data_2OVF
#
_entry.id   2OVF
#
_cell.length_a   87.392
_cell.length_b   87.392
_cell.length_c   169.377
_cell.angle_alpha   90.000
_cell.angle_beta   90.000
_cell.angle_gamma   120.000
#
_symmetry.space_group_name_H-M   'P 61 2 2'
#
loop_
_entity.id
_entity.type
_entity.pdbx_description
1 polymer StaL
2 non-polymer "ADENOSINE-3'-5'-DIPHOSPHATE"
3 water water
#
_entity_poly.entity_id   1
_entity_poly.type   'polypeptide(L)'
_entity_poly.pdbx_seq_one_letter_code
;MGSSHHHHHHSSGLVPRGSHMMCWIASYPKAGGHWLRCMLTSYVTGEPVETWPGIQAGVPHLEGLLRDGEAPSADPDEQV
LLATHFTADRPVLRFYRESTAKVVCLIRNPRDAMLSLMRMKGIPPEDVEACRKIAETFIADEGFSSVRIWAGEGSWPENI
RSWTDSVHESFPNAAVLAVRYEDLRKDPEGELWKVVDFLELGGRDGVADAVANCTLERMREMEERSKLLGLETTGLMTRG
GKQLPFVGKGGQRKSLKFMGDDIEKAYADLLHGETDFAHYARLYGYAE
;
_entity_poly.pdbx_strand_id   A
#
# COMPACT_ATOMS: atom_id res chain seq x y z
N MET A 21 -14.15 -8.42 15.19
CA MET A 21 -13.63 -8.87 13.86
C MET A 21 -12.36 -8.08 13.44
N MET A 22 -11.66 -8.58 12.43
CA MET A 22 -10.29 -8.18 12.10
C MET A 22 -10.23 -7.48 10.73
N CYS A 23 -9.39 -6.44 10.58
CA CYS A 23 -9.41 -5.59 9.37
C CYS A 23 -8.05 -5.35 8.71
N TRP A 24 -8.00 -5.44 7.39
CA TRP A 24 -6.69 -5.29 6.77
C TRP A 24 -6.61 -4.05 5.97
N ILE A 25 -5.55 -3.28 6.20
CA ILE A 25 -5.15 -2.26 5.24
C ILE A 25 -4.18 -2.93 4.30
N ALA A 26 -4.66 -3.40 3.17
CA ALA A 26 -3.80 -4.12 2.22
C ALA A 26 -3.39 -3.19 1.11
N SER A 27 -2.15 -3.28 0.64
CA SER A 27 -1.61 -2.34 -0.39
C SER A 27 -0.40 -2.99 -1.06
N TYR A 28 -0.21 -2.83 -2.37
CA TYR A 28 1.01 -3.37 -3.02
C TYR A 28 2.12 -2.51 -2.47
N PRO A 29 3.39 -2.91 -2.66
CA PRO A 29 4.41 -1.94 -2.22
C PRO A 29 4.40 -0.60 -2.98
N LYS A 30 4.57 0.55 -2.30
CA LYS A 30 4.81 1.87 -2.92
C LYS A 30 3.50 2.59 -3.20
N ALA A 31 2.38 1.93 -2.92
CA ALA A 31 1.07 2.51 -3.16
C ALA A 31 0.70 3.62 -2.15
N GLY A 32 1.58 4.01 -1.27
CA GLY A 32 1.20 5.00 -0.25
C GLY A 32 0.74 4.44 1.11
N GLY A 33 1.10 3.17 1.40
CA GLY A 33 0.71 2.46 2.62
C GLY A 33 1.02 3.22 3.90
N HIS A 34 2.25 3.71 4.02
CA HIS A 34 2.71 4.52 5.18
C HIS A 34 1.84 5.75 5.38
N TRP A 35 1.79 6.59 4.35
CA TRP A 35 0.85 7.68 4.36
C TRP A 35 -0.55 7.32 4.97
N LEU A 36 -1.22 6.28 4.45
CA LEU A 36 -2.59 6.03 4.89
C LEU A 36 -2.62 5.42 6.29
N ARG A 37 -1.58 4.64 6.60
CA ARG A 37 -1.45 4.07 7.93
C ARG A 37 -1.25 5.17 8.95
N CYS A 38 -0.48 6.19 8.55
CA CYS A 38 -0.33 7.44 9.29
C CYS A 38 -1.65 8.10 9.62
N MET A 39 -2.49 8.33 8.61
CA MET A 39 -3.74 9.04 8.83
C MET A 39 -4.68 8.27 9.73
N LEU A 40 -4.79 6.97 9.46
CA LEU A 40 -5.70 6.12 10.21
C LEU A 40 -5.29 6.09 11.68
N THR A 41 -3.98 6.06 11.91
CA THR A 41 -3.45 6.05 13.26
C THR A 41 -3.83 7.34 13.97
N SER A 42 -3.64 8.47 13.31
CA SER A 42 -3.90 9.76 13.91
C SER A 42 -5.38 10.05 14.09
N TYR A 43 -6.20 9.45 13.24
CA TYR A 43 -7.64 9.52 13.43
C TYR A 43 -8.09 8.72 14.66
N VAL A 44 -7.50 7.56 14.90
CA VAL A 44 -7.89 6.80 16.08
C VAL A 44 -7.43 7.50 17.36
N THR A 45 -6.19 8.00 17.39
CA THR A 45 -5.71 8.74 18.55
C THR A 45 -6.40 10.09 18.67
N GLY A 46 -6.68 10.72 17.52
CA GLY A 46 -7.08 12.13 17.50
C GLY A 46 -5.89 13.00 17.86
N GLU A 47 -4.80 12.36 18.28
CA GLU A 47 -3.53 13.01 18.55
C GLU A 47 -2.59 12.79 17.38
N PRO A 48 -1.79 13.82 17.02
CA PRO A 48 -0.89 13.78 15.86
C PRO A 48 0.04 12.59 15.99
N VAL A 49 0.87 12.32 14.98
CA VAL A 49 1.83 11.24 15.15
C VAL A 49 3.18 11.78 15.56
N GLU A 50 3.46 11.64 16.85
CA GLU A 50 4.64 12.24 17.47
C GLU A 50 5.95 11.65 16.92
N THR A 51 5.90 10.37 16.53
CA THR A 51 7.11 9.61 16.27
C THR A 51 6.89 8.55 15.18
N TRP A 52 7.85 8.39 14.28
CA TRP A 52 7.72 7.44 13.17
C TRP A 52 7.26 6.04 13.59
N PRO A 53 7.88 5.43 14.64
CA PRO A 53 7.35 4.13 15.04
C PRO A 53 5.89 4.20 15.51
N GLY A 54 5.38 5.41 15.69
CA GLY A 54 3.99 5.60 16.09
C GLY A 54 3.03 4.98 15.09
N ILE A 55 3.43 5.00 13.80
CA ILE A 55 2.71 4.39 12.69
C ILE A 55 2.62 2.88 12.82
N GLN A 56 3.76 2.23 13.11
CA GLN A 56 3.72 0.79 13.33
C GLN A 56 2.89 0.44 14.58
N ALA A 57 2.79 1.37 15.53
CA ALA A 57 2.03 1.11 16.72
C ALA A 57 0.54 1.15 16.38
N GLY A 58 0.13 2.14 15.59
CA GLY A 58 -1.29 2.38 15.38
C GLY A 58 -1.95 1.41 14.43
N VAL A 59 -1.28 1.13 13.33
CA VAL A 59 -1.76 0.19 12.30
C VAL A 59 -0.57 -0.71 11.90
N PRO A 60 -0.23 -1.67 12.77
CA PRO A 60 0.94 -2.51 12.57
C PRO A 60 1.02 -3.12 11.18
N HIS A 61 2.21 -3.06 10.58
CA HIS A 61 2.46 -3.80 9.34
C HIS A 61 2.76 -5.27 9.69
N LEU A 62 1.87 -6.18 9.28
CA LEU A 62 2.04 -7.60 9.58
C LEU A 62 3.46 -8.15 9.49
N GLU A 63 4.12 -7.93 8.37
CA GLU A 63 5.51 -8.34 8.17
C GLU A 63 6.46 -7.90 9.33
N GLY A 64 6.23 -6.70 9.84
CA GLY A 64 7.00 -6.18 10.94
C GLY A 64 6.83 -6.99 12.19
N LEU A 65 5.61 -7.37 12.50
CA LEU A 65 5.38 -8.11 13.70
C LEU A 65 6.01 -9.50 13.58
N LEU A 66 5.88 -10.13 12.40
CA LEU A 66 6.39 -11.50 12.20
C LEU A 66 7.91 -11.60 12.29
N ARG A 67 8.58 -10.52 11.90
CA ARG A 67 10.00 -10.39 11.98
C ARG A 67 10.49 -10.54 13.41
N ASP A 68 9.79 -9.93 14.38
CA ASP A 68 10.15 -10.20 15.77
C ASP A 68 9.27 -11.16 16.47
N GLY A 69 8.51 -11.95 15.71
CA GLY A 69 7.82 -13.10 16.27
C GLY A 69 6.57 -12.75 17.06
N GLU A 70 6.12 -11.51 16.92
CA GLU A 70 4.78 -11.14 17.34
C GLU A 70 3.79 -11.77 16.36
N ALA A 71 2.55 -11.95 16.74
CA ALA A 71 1.58 -12.34 15.72
C ALA A 71 0.20 -12.28 16.31
N PRO A 72 -0.59 -11.29 15.87
CA PRO A 72 -1.74 -10.86 16.65
C PRO A 72 -2.79 -11.97 16.67
N SER A 73 -3.64 -11.92 17.69
CA SER A 73 -4.63 -12.98 17.92
C SER A 73 -5.63 -13.11 16.76
N ALA A 74 -5.85 -14.34 16.30
CA ALA A 74 -6.94 -14.67 15.40
C ALA A 74 -8.22 -14.38 16.14
N ASP A 75 -9.20 -13.80 15.46
CA ASP A 75 -10.48 -13.44 16.14
C ASP A 75 -10.31 -12.67 17.49
N PRO A 76 -9.88 -11.38 17.41
CA PRO A 76 -10.09 -10.44 18.51
C PRO A 76 -11.59 -10.14 18.69
N ASP A 77 -12.03 -9.93 19.93
CA ASP A 77 -13.46 -9.64 20.14
C ASP A 77 -13.79 -8.19 19.78
N GLU A 78 -12.77 -7.33 19.81
CA GLU A 78 -12.94 -5.94 19.36
C GLU A 78 -12.13 -5.64 18.09
N GLN A 79 -12.64 -4.70 17.27
CA GLN A 79 -12.04 -4.37 15.98
C GLN A 79 -10.55 -4.09 16.06
N VAL A 80 -9.81 -4.64 15.08
CA VAL A 80 -8.33 -4.52 15.00
C VAL A 80 -7.85 -4.16 13.57
N LEU A 81 -7.06 -3.08 13.46
CA LEU A 81 -6.47 -2.67 12.17
C LEU A 81 -5.05 -3.21 11.92
N LEU A 82 -4.88 -4.03 10.88
CA LEU A 82 -3.54 -4.43 10.48
C LEU A 82 -3.25 -4.06 9.04
N ALA A 83 -2.01 -4.08 8.63
CA ALA A 83 -1.69 -3.71 7.27
C ALA A 83 -0.75 -4.74 6.76
N THR A 84 -0.73 -4.96 5.45
CA THR A 84 0.24 -5.88 4.86
C THR A 84 0.39 -5.65 3.35
N HIS A 85 1.51 -6.08 2.77
CA HIS A 85 1.66 -6.14 1.31
C HIS A 85 1.53 -7.57 0.85
N PHE A 86 1.40 -8.52 1.76
CA PHE A 86 1.23 -9.92 1.34
C PHE A 86 0.05 -9.98 0.36
N THR A 87 0.04 -10.97 -0.51
CA THR A 87 -1.16 -11.24 -1.25
C THR A 87 -2.05 -11.90 -0.23
N ALA A 88 -3.36 -11.87 -0.48
CA ALA A 88 -4.36 -12.25 0.51
C ALA A 88 -4.38 -13.72 0.78
N ASP A 89 -3.61 -14.49 0.04
CA ASP A 89 -3.69 -15.96 0.10
C ASP A 89 -2.39 -16.60 0.51
N ARG A 90 -1.41 -15.82 0.94
CA ARG A 90 -0.23 -16.39 1.55
C ARG A 90 -0.62 -17.27 2.77
N PRO A 91 -0.03 -18.48 2.90
CA PRO A 91 -0.40 -19.34 4.04
C PRO A 91 -0.53 -18.60 5.37
N VAL A 92 0.44 -17.76 5.72
CA VAL A 92 0.44 -17.17 7.05
C VAL A 92 -0.87 -16.51 7.42
N LEU A 93 -1.58 -15.95 6.43
CA LEU A 93 -2.79 -15.20 6.73
C LEU A 93 -3.93 -16.14 7.02
N ARG A 94 -3.70 -17.44 6.81
CA ARG A 94 -4.78 -18.44 6.96
C ARG A 94 -5.32 -18.41 8.39
N PHE A 95 -4.50 -18.01 9.35
CA PHE A 95 -4.99 -17.96 10.73
C PHE A 95 -6.14 -16.98 10.89
N TYR A 96 -6.23 -16.03 9.97
CA TYR A 96 -7.24 -14.98 10.04
C TYR A 96 -8.40 -15.22 9.09
N ARG A 97 -8.53 -16.47 8.63
CA ARG A 97 -9.52 -16.86 7.63
C ARG A 97 -10.95 -16.49 8.02
N GLU A 98 -11.42 -16.90 9.20
CA GLU A 98 -12.81 -16.62 9.55
C GLU A 98 -13.01 -15.24 10.22
N SER A 99 -12.00 -14.74 10.93
CA SER A 99 -12.15 -13.47 11.64
C SER A 99 -12.05 -12.19 10.81
N THR A 100 -11.47 -12.25 9.61
CA THR A 100 -11.33 -11.05 8.77
C THR A 100 -12.71 -10.51 8.34
N ALA A 101 -13.04 -9.31 8.83
CA ALA A 101 -14.32 -8.70 8.51
C ALA A 101 -14.26 -7.79 7.29
N LYS A 102 -13.17 -7.02 7.13
CA LYS A 102 -13.14 -5.86 6.22
C LYS A 102 -11.74 -5.65 5.65
N VAL A 103 -11.63 -5.02 4.46
CA VAL A 103 -10.34 -4.92 3.81
C VAL A 103 -10.25 -3.61 3.06
N VAL A 104 -9.41 -2.67 3.47
CA VAL A 104 -9.25 -1.51 2.62
C VAL A 104 -8.15 -1.83 1.65
N CYS A 105 -8.41 -1.64 0.38
CA CYS A 105 -7.43 -2.05 -0.57
C CYS A 105 -6.87 -0.85 -1.32
N LEU A 106 -5.67 -0.45 -0.89
CA LEU A 106 -4.99 0.70 -1.42
C LEU A 106 -4.18 0.40 -2.70
N ILE A 107 -4.51 1.15 -3.75
CA ILE A 107 -3.96 0.88 -5.09
C ILE A 107 -3.40 2.15 -5.67
N ARG A 108 -2.27 2.07 -6.36
CA ARG A 108 -1.85 3.21 -7.12
C ARG A 108 -1.34 2.80 -8.50
N ASN A 109 -1.21 3.81 -9.37
CA ASN A 109 -0.68 3.65 -10.70
C ASN A 109 0.58 2.79 -10.67
N PRO A 110 0.53 1.62 -11.35
CA PRO A 110 1.69 0.72 -11.45
C PRO A 110 2.88 1.39 -12.13
N ARG A 111 2.63 2.39 -12.94
CA ARG A 111 3.71 3.17 -13.56
C ARG A 111 4.49 3.88 -12.46
N ASP A 112 3.77 4.30 -11.42
CA ASP A 112 4.38 5.19 -10.43
C ASP A 112 5.13 4.39 -9.42
N ALA A 113 4.62 3.22 -9.09
CA ALA A 113 5.30 2.32 -8.18
C ALA A 113 6.69 1.95 -8.73
N MET A 114 6.75 1.81 -10.05
CA MET A 114 7.97 1.40 -10.75
C MET A 114 8.98 2.54 -10.65
N LEU A 115 8.54 3.73 -11.00
CA LEU A 115 9.29 4.95 -10.74
C LEU A 115 9.71 5.06 -9.28
N SER A 116 8.95 4.42 -8.39
CA SER A 116 9.13 4.60 -6.95
C SER A 116 10.31 3.80 -6.40
N LEU A 117 10.37 2.54 -6.83
CA LEU A 117 11.49 1.65 -6.68
C LEU A 117 12.77 2.37 -7.02
N MET A 118 12.79 3.01 -8.19
CA MET A 118 13.93 3.76 -8.69
C MET A 118 14.44 4.80 -7.69
N ARG A 119 13.59 5.74 -7.27
CA ARG A 119 13.98 6.72 -6.25
C ARG A 119 14.46 5.97 -5.00
N MET A 120 13.59 5.09 -4.50
CA MET A 120 13.93 4.12 -3.46
C MET A 120 15.40 3.61 -3.54
N LYS A 121 15.72 2.80 -4.54
CA LYS A 121 17.04 2.17 -4.64
C LYS A 121 18.26 3.13 -4.72
N GLY A 122 18.00 4.43 -4.93
CA GLY A 122 19.08 5.42 -5.03
C GLY A 122 18.91 6.17 -6.35
N ILE A 123 19.78 5.87 -7.32
CA ILE A 123 19.51 6.07 -8.76
C ILE A 123 18.76 7.35 -9.19
N PRO A 124 19.50 8.41 -9.61
CA PRO A 124 18.90 9.59 -10.22
C PRO A 124 18.24 9.24 -11.57
N PRO A 125 17.29 10.09 -12.05
CA PRO A 125 16.56 9.79 -13.30
C PRO A 125 17.46 9.42 -14.49
N GLU A 126 18.74 9.80 -14.42
CA GLU A 126 19.67 9.70 -15.55
C GLU A 126 20.15 8.30 -15.90
N ASP A 127 20.64 7.56 -14.91
CA ASP A 127 21.39 6.31 -15.13
C ASP A 127 20.62 5.26 -15.98
N VAL A 128 20.04 5.69 -17.10
CA VAL A 128 19.12 4.88 -17.92
C VAL A 128 19.36 3.39 -17.76
N GLU A 129 20.57 2.93 -18.08
CA GLU A 129 20.97 1.52 -17.88
C GLU A 129 20.36 0.94 -16.58
N ALA A 130 20.65 1.60 -15.46
CA ALA A 130 20.06 1.25 -14.18
C ALA A 130 18.55 1.11 -14.29
N CYS A 131 17.89 2.19 -14.74
CA CYS A 131 16.42 2.29 -14.70
C CYS A 131 15.75 1.45 -15.78
N ARG A 132 16.28 1.49 -17.00
CA ARG A 132 15.83 0.62 -18.08
C ARG A 132 15.71 -0.82 -17.58
N LYS A 133 16.77 -1.31 -16.95
CA LYS A 133 16.80 -2.65 -16.39
C LYS A 133 15.60 -2.88 -15.47
N ILE A 134 15.52 -2.13 -14.37
CA ILE A 134 14.41 -2.25 -13.43
C ILE A 134 13.03 -2.23 -14.11
N ALA A 135 12.86 -1.34 -15.08
CA ALA A 135 11.58 -1.22 -15.76
C ALA A 135 11.24 -2.46 -16.60
N GLU A 136 12.24 -3.01 -17.27
CA GLU A 136 12.03 -4.17 -18.11
C GLU A 136 11.66 -5.35 -17.22
N THR A 137 12.33 -5.43 -16.08
CA THR A 137 12.09 -6.48 -15.09
C THR A 137 10.70 -6.34 -14.49
N PHE A 138 10.39 -5.13 -14.02
CA PHE A 138 9.04 -4.79 -13.57
C PHE A 138 8.02 -5.32 -14.56
N ILE A 139 8.19 -4.95 -15.84
CA ILE A 139 7.28 -5.33 -16.91
C ILE A 139 7.16 -6.85 -17.13
N ALA A 140 8.27 -7.59 -17.20
CA ALA A 140 8.16 -9.04 -17.33
C ALA A 140 7.60 -9.72 -16.06
N ASP A 141 7.73 -9.01 -14.92
CA ASP A 141 7.26 -9.49 -13.63
C ASP A 141 5.86 -9.00 -13.32
N GLU A 142 5.34 -8.11 -14.17
CA GLU A 142 4.10 -7.41 -13.88
C GLU A 142 4.06 -6.94 -12.40
N GLY A 143 5.06 -6.16 -11.99
CA GLY A 143 5.21 -5.75 -10.60
C GLY A 143 6.54 -6.20 -9.97
N PHE A 144 6.61 -6.21 -8.63
CA PHE A 144 7.88 -6.27 -7.87
C PHE A 144 8.49 -7.65 -7.51
N SER A 145 8.01 -8.72 -8.13
CA SER A 145 8.33 -10.10 -7.72
C SER A 145 9.82 -10.43 -7.65
N SER A 146 10.64 -9.80 -8.47
CA SER A 146 12.09 -10.06 -8.46
C SER A 146 12.86 -9.21 -7.45
N VAL A 147 12.19 -8.27 -6.80
CA VAL A 147 12.84 -7.35 -5.87
C VAL A 147 12.94 -7.91 -4.45
N ARG A 148 14.12 -8.43 -4.14
CA ARG A 148 14.58 -8.85 -2.80
C ARG A 148 13.93 -8.22 -1.55
N ILE A 149 13.70 -6.89 -1.57
CA ILE A 149 13.11 -6.11 -0.44
C ILE A 149 11.79 -6.66 0.14
N TRP A 150 10.81 -6.91 -0.70
CA TRP A 150 9.52 -7.44 -0.28
C TRP A 150 9.40 -8.93 -0.59
N ALA A 151 8.45 -9.60 0.07
CA ALA A 151 8.18 -11.00 -0.24
C ALA A 151 6.72 -11.36 -0.07
N GLY A 152 6.33 -12.40 -0.79
CA GLY A 152 4.93 -12.83 -0.85
C GLY A 152 3.95 -11.74 -1.23
N GLU A 153 4.37 -10.76 -2.06
CA GLU A 153 3.45 -9.68 -2.41
C GLU A 153 2.76 -9.93 -3.74
N GLY A 154 3.34 -10.83 -4.53
CA GLY A 154 2.89 -11.09 -5.90
C GLY A 154 3.14 -9.95 -6.87
N SER A 155 2.65 -10.14 -8.09
CA SER A 155 2.65 -9.10 -9.09
C SER A 155 1.51 -8.20 -8.70
N TRP A 156 1.54 -6.95 -9.16
CA TRP A 156 0.44 -6.01 -8.97
C TRP A 156 -0.94 -6.67 -9.13
N PRO A 157 -1.23 -7.23 -10.31
CA PRO A 157 -2.58 -7.79 -10.48
C PRO A 157 -2.83 -8.94 -9.53
N GLU A 158 -1.89 -9.88 -9.46
CA GLU A 158 -2.03 -11.00 -8.53
C GLU A 158 -2.48 -10.46 -7.18
N ASN A 159 -1.74 -9.49 -6.66
CA ASN A 159 -2.00 -8.93 -5.36
C ASN A 159 -3.41 -8.34 -5.28
N ILE A 160 -3.71 -7.38 -6.16
CA ILE A 160 -5.03 -6.72 -6.17
C ILE A 160 -6.20 -7.71 -6.28
N ARG A 161 -6.09 -8.62 -7.25
CA ARG A 161 -7.11 -9.62 -7.48
C ARG A 161 -7.38 -10.33 -6.17
N SER A 162 -6.29 -10.62 -5.45
CA SER A 162 -6.33 -11.46 -4.28
C SER A 162 -7.05 -10.81 -3.14
N TRP A 163 -7.03 -9.49 -3.11
CA TRP A 163 -7.64 -8.72 -2.03
C TRP A 163 -9.00 -8.20 -2.46
N THR A 164 -9.40 -8.48 -3.68
CA THR A 164 -10.63 -7.86 -4.16
C THR A 164 -11.64 -8.89 -4.71
N ASP A 165 -11.64 -9.08 -6.02
CA ASP A 165 -12.53 -10.01 -6.67
C ASP A 165 -12.44 -11.39 -6.03
N SER A 166 -11.23 -11.90 -5.76
CA SER A 166 -11.14 -13.24 -5.14
C SER A 166 -10.94 -13.20 -3.63
N VAL A 167 -11.19 -12.06 -3.00
CA VAL A 167 -10.96 -11.95 -1.56
C VAL A 167 -11.62 -13.08 -0.77
N HIS A 168 -12.80 -13.51 -1.20
CA HIS A 168 -13.53 -14.55 -0.51
C HIS A 168 -12.86 -15.95 -0.55
N GLU A 169 -11.92 -16.13 -1.48
CA GLU A 169 -11.12 -17.35 -1.49
C GLU A 169 -10.16 -17.46 -0.29
N SER A 170 -9.97 -16.35 0.42
CA SER A 170 -9.07 -16.34 1.56
C SER A 170 -9.78 -15.89 2.80
N PHE A 171 -10.69 -14.94 2.63
CA PHE A 171 -11.39 -14.38 3.76
C PHE A 171 -12.87 -14.27 3.44
N PRO A 172 -13.62 -15.39 3.60
CA PRO A 172 -15.02 -15.57 3.15
C PRO A 172 -16.07 -14.61 3.75
N ASN A 173 -15.76 -13.98 4.87
CA ASN A 173 -16.67 -13.06 5.58
C ASN A 173 -16.38 -11.59 5.30
N ALA A 174 -15.56 -11.36 4.27
CA ALA A 174 -14.90 -10.09 4.05
C ALA A 174 -15.55 -9.15 3.03
N ALA A 175 -15.77 -7.90 3.44
CA ALA A 175 -16.11 -6.81 2.53
C ALA A 175 -14.85 -5.97 2.23
N VAL A 176 -14.81 -5.31 1.08
CA VAL A 176 -13.59 -4.67 0.64
C VAL A 176 -13.93 -3.27 0.22
N LEU A 177 -13.04 -2.31 0.52
CA LEU A 177 -13.13 -1.00 -0.09
C LEU A 177 -11.85 -0.69 -0.81
N ALA A 178 -11.91 -0.47 -2.13
CA ALA A 178 -10.72 -0.03 -2.87
C ALA A 178 -10.56 1.47 -2.77
N VAL A 179 -9.33 1.91 -2.58
CA VAL A 179 -9.07 3.32 -2.57
C VAL A 179 -7.81 3.58 -3.38
N ARG A 180 -7.92 4.51 -4.31
CA ARG A 180 -6.80 4.88 -5.12
C ARG A 180 -5.93 5.94 -4.50
N TYR A 181 -4.64 5.65 -4.48
CA TYR A 181 -3.65 6.63 -4.07
C TYR A 181 -4.00 7.97 -4.70
N GLU A 182 -4.07 7.98 -6.03
CA GLU A 182 -4.44 9.16 -6.82
C GLU A 182 -5.68 9.92 -6.30
N ASP A 183 -6.69 9.18 -5.82
CA ASP A 183 -7.90 9.80 -5.27
C ASP A 183 -7.64 10.40 -3.90
N LEU A 184 -6.90 9.67 -3.07
CA LEU A 184 -6.47 10.20 -1.77
C LEU A 184 -5.69 11.51 -1.94
N ARG A 185 -4.83 11.60 -2.95
CA ARG A 185 -4.11 12.84 -3.26
C ARG A 185 -5.03 14.00 -3.62
N LYS A 186 -5.87 13.79 -4.64
CA LYS A 186 -6.79 14.81 -5.13
C LYS A 186 -7.56 15.40 -3.96
N ASP A 187 -7.98 14.55 -3.04
CA ASP A 187 -8.88 14.98 -1.98
C ASP A 187 -8.68 14.13 -0.72
N PRO A 188 -7.67 14.45 0.08
CA PRO A 188 -7.41 13.58 1.24
C PRO A 188 -8.58 13.44 2.23
N GLU A 189 -9.29 14.52 2.58
CA GLU A 189 -10.30 14.41 3.64
C GLU A 189 -11.56 13.61 3.23
N GLY A 190 -11.99 13.76 1.97
CA GLY A 190 -13.17 13.06 1.50
C GLY A 190 -12.89 11.57 1.46
N GLU A 191 -11.82 11.23 0.74
CA GLU A 191 -11.38 9.86 0.58
C GLU A 191 -11.09 9.18 1.91
N LEU A 192 -10.30 9.82 2.78
CA LEU A 192 -10.04 9.22 4.09
C LEU A 192 -11.33 8.94 4.83
N TRP A 193 -12.23 9.93 4.89
CA TRP A 193 -13.51 9.72 5.55
C TRP A 193 -14.21 8.50 5.00
N LYS A 194 -14.11 8.26 3.69
CA LYS A 194 -14.67 7.04 3.11
C LYS A 194 -14.06 5.80 3.77
N VAL A 195 -12.76 5.83 4.03
CA VAL A 195 -12.12 4.71 4.70
C VAL A 195 -12.57 4.63 6.17
N VAL A 196 -12.57 5.77 6.86
CA VAL A 196 -13.07 5.89 8.23
C VAL A 196 -14.47 5.33 8.32
N ASP A 197 -15.35 5.84 7.46
CA ASP A 197 -16.74 5.44 7.44
C ASP A 197 -16.77 3.95 7.26
N PHE A 198 -16.11 3.46 6.19
CA PHE A 198 -16.15 2.06 5.88
C PHE A 198 -15.75 1.25 7.11
N LEU A 199 -14.69 1.69 7.76
CA LEU A 199 -14.14 0.91 8.84
C LEU A 199 -14.94 1.08 10.12
N GLU A 200 -15.95 1.95 10.09
CA GLU A 200 -16.81 2.22 11.26
C GLU A 200 -15.96 2.76 12.40
N LEU A 201 -15.05 3.68 12.08
CA LEU A 201 -14.11 4.22 13.08
C LEU A 201 -14.61 5.46 13.81
N GLY A 202 -15.72 6.05 13.33
CA GLY A 202 -16.27 7.25 13.98
C GLY A 202 -16.69 8.39 13.07
N GLY A 203 -16.48 9.62 13.57
CA GLY A 203 -17.07 10.87 13.05
C GLY A 203 -16.70 11.36 11.66
N ARG A 204 -16.02 12.51 11.59
CA ARG A 204 -15.67 13.15 10.30
C ARG A 204 -14.89 14.44 10.61
N ASP A 205 -14.98 14.86 11.87
CA ASP A 205 -14.28 16.02 12.38
C ASP A 205 -12.83 15.64 12.52
N GLY A 206 -12.61 14.44 13.03
CA GLY A 206 -11.27 13.90 13.21
C GLY A 206 -10.53 13.88 11.89
N VAL A 207 -11.28 13.58 10.81
CA VAL A 207 -10.71 13.41 9.47
C VAL A 207 -9.90 14.64 9.06
N ALA A 208 -10.48 15.83 9.16
CA ALA A 208 -9.78 17.06 8.79
C ALA A 208 -8.39 17.13 9.44
N ASP A 209 -8.35 16.98 10.77
CA ASP A 209 -7.12 17.05 11.53
C ASP A 209 -6.15 15.97 11.10
N ALA A 210 -6.62 14.72 11.12
CA ALA A 210 -5.80 13.57 10.80
C ALA A 210 -5.08 13.74 9.48
N VAL A 211 -5.80 14.18 8.45
CA VAL A 211 -5.23 14.47 7.14
C VAL A 211 -4.02 15.37 7.26
N ALA A 212 -4.21 16.46 8.02
CA ALA A 212 -3.19 17.48 8.21
C ALA A 212 -1.96 16.91 8.91
N ASN A 213 -2.16 16.10 9.94
CA ASN A 213 -1.05 15.48 10.69
C ASN A 213 -0.04 14.67 9.85
N CYS A 214 -0.46 14.24 8.65
CA CYS A 214 0.34 13.38 7.80
C CYS A 214 0.47 13.96 6.41
N THR A 215 1.38 14.90 6.24
CA THR A 215 1.50 15.62 4.99
C THR A 215 2.91 15.38 4.47
N LEU A 216 3.08 15.29 3.15
CA LEU A 216 4.42 15.10 2.59
C LEU A 216 5.41 15.80 3.52
N GLU A 217 5.11 17.07 3.83
CA GLU A 217 5.91 17.87 4.74
C GLU A 217 6.07 17.18 6.10
N ARG A 218 4.96 17.05 6.83
CA ARG A 218 4.94 16.37 8.14
C ARG A 218 5.65 15.02 8.16
N MET A 219 5.33 14.17 7.17
CA MET A 219 5.88 12.82 7.06
C MET A 219 7.41 12.85 6.92
N ARG A 220 7.93 13.79 6.12
CA ARG A 220 9.39 13.94 5.93
C ARG A 220 10.01 14.37 7.24
N GLU A 221 9.34 15.31 7.89
CA GLU A 221 9.74 15.81 9.19
C GLU A 221 9.72 14.68 10.21
N MET A 222 8.53 14.11 10.42
CA MET A 222 8.33 13.01 11.36
C MET A 222 9.37 11.92 11.12
N GLU A 223 9.71 11.70 9.84
CA GLU A 223 10.69 10.71 9.45
C GLU A 223 12.07 11.02 9.93
N GLU A 224 12.66 12.13 9.45
CA GLU A 224 14.05 12.43 9.83
C GLU A 224 14.33 12.75 11.28
N ARG A 225 13.35 13.24 12.00
CA ARG A 225 13.48 13.32 13.44
C ARG A 225 13.89 11.95 13.98
N SER A 226 13.08 10.94 13.72
CA SER A 226 13.34 9.60 14.25
C SER A 226 14.65 8.98 13.74
N LYS A 227 14.94 9.12 12.45
CA LYS A 227 16.24 8.69 11.95
C LYS A 227 17.38 9.24 12.84
N LEU A 228 17.36 10.56 13.09
CA LEU A 228 18.36 11.26 13.88
C LEU A 228 18.40 10.83 15.34
N LEU A 229 17.25 10.43 15.87
CA LEU A 229 17.20 9.91 17.24
C LEU A 229 17.73 8.49 17.34
N GLY A 230 18.08 7.90 16.20
CA GLY A 230 18.65 6.56 16.13
C GLY A 230 17.57 5.49 16.04
N LEU A 231 16.45 5.83 15.40
CA LEU A 231 15.27 4.96 15.34
C LEU A 231 15.12 4.26 14.00
N GLU A 232 14.47 3.08 14.00
CA GLU A 232 14.14 2.32 12.79
C GLU A 232 13.27 3.11 11.80
N THR A 233 13.56 2.97 10.51
CA THR A 233 12.88 3.74 9.43
C THR A 233 12.78 3.03 8.05
N THR A 234 11.84 3.48 7.21
CA THR A 234 11.44 2.78 5.92
C THR A 234 11.40 1.25 5.95
N LYS A 254 6.83 12.51 -12.08
CA LYS A 254 7.28 12.32 -13.46
C LYS A 254 6.35 11.39 -14.24
N SER A 255 6.79 11.01 -15.45
CA SER A 255 6.24 9.88 -16.20
C SER A 255 7.41 9.11 -16.86
N LEU A 256 7.14 8.33 -17.90
CA LEU A 256 8.13 7.34 -18.38
C LEU A 256 8.93 7.75 -19.63
N LYS A 257 8.77 9.01 -20.06
CA LYS A 257 9.39 9.54 -21.28
C LYS A 257 10.92 9.31 -21.34
N PHE A 258 11.62 9.83 -20.34
CA PHE A 258 13.04 9.56 -20.13
C PHE A 258 13.28 8.05 -20.14
N MET A 259 14.43 7.64 -20.68
CA MET A 259 14.72 6.21 -20.90
C MET A 259 13.86 5.62 -22.02
N GLY A 260 12.84 6.36 -22.44
CA GLY A 260 11.69 5.83 -23.19
C GLY A 260 11.86 5.29 -24.59
N ASP A 261 11.03 5.80 -25.49
CA ASP A 261 10.89 5.32 -26.88
C ASP A 261 10.43 3.85 -26.98
N ASP A 262 11.16 2.94 -26.34
CA ASP A 262 10.88 1.52 -26.44
C ASP A 262 10.47 0.91 -25.11
N ILE A 263 11.05 1.40 -24.01
CA ILE A 263 10.61 1.02 -22.66
C ILE A 263 9.20 1.56 -22.44
N GLU A 264 8.87 2.63 -23.19
CA GLU A 264 7.51 3.12 -23.28
C GLU A 264 6.63 2.15 -24.07
N LYS A 265 7.14 1.69 -25.21
CA LYS A 265 6.43 0.72 -26.07
C LYS A 265 6.12 -0.59 -25.34
N ALA A 266 7.13 -1.17 -24.68
CA ALA A 266 6.96 -2.40 -23.88
C ALA A 266 5.87 -2.30 -22.81
N TYR A 267 5.79 -1.12 -22.18
CA TYR A 267 4.81 -0.83 -21.14
C TYR A 267 3.41 -0.76 -21.73
N ALA A 268 3.19 0.20 -22.63
CA ALA A 268 1.89 0.33 -23.30
C ALA A 268 1.41 -1.00 -23.85
N ASP A 269 2.30 -1.74 -24.52
CA ASP A 269 1.98 -3.09 -24.98
C ASP A 269 1.43 -3.99 -23.86
N LEU A 270 2.10 -4.02 -22.70
CA LEU A 270 1.59 -4.76 -21.53
C LEU A 270 0.33 -4.12 -20.95
N LEU A 271 0.34 -2.78 -20.86
CA LEU A 271 -0.78 -2.01 -20.32
C LEU A 271 -2.05 -2.09 -21.16
N HIS A 272 -1.96 -2.76 -22.30
CA HIS A 272 -3.12 -2.98 -23.17
C HIS A 272 -3.24 -4.41 -23.68
N GLY A 273 -2.59 -5.35 -23.00
CA GLY A 273 -2.65 -6.76 -23.39
C GLY A 273 -3.95 -7.41 -22.95
N GLU A 274 -3.99 -8.74 -23.06
CA GLU A 274 -5.08 -9.54 -22.50
C GLU A 274 -4.76 -10.06 -21.10
N THR A 275 -3.70 -9.54 -20.49
CA THR A 275 -3.26 -10.00 -19.17
C THR A 275 -4.03 -9.34 -18.04
N ASP A 276 -3.82 -9.83 -16.82
CA ASP A 276 -4.54 -9.32 -15.65
C ASP A 276 -4.05 -7.96 -15.18
N PHE A 277 -2.79 -7.68 -15.47
CA PHE A 277 -2.23 -6.37 -15.21
C PHE A 277 -3.02 -5.31 -15.98
N ALA A 278 -3.14 -5.51 -17.29
CA ALA A 278 -3.90 -4.60 -18.15
C ALA A 278 -5.36 -4.53 -17.71
N HIS A 279 -5.98 -5.68 -17.40
CA HIS A 279 -7.33 -5.67 -16.83
C HIS A 279 -7.45 -4.66 -15.69
N TYR A 280 -6.59 -4.77 -14.69
CA TYR A 280 -6.74 -3.94 -13.51
C TYR A 280 -6.31 -2.47 -13.74
N ALA A 281 -5.43 -2.25 -14.72
CA ALA A 281 -5.01 -0.90 -15.02
C ALA A 281 -6.19 -0.14 -15.66
N ARG A 282 -6.95 -0.88 -16.46
CA ARG A 282 -8.16 -0.43 -17.14
C ARG A 282 -9.23 -0.11 -16.10
N LEU A 283 -9.48 -1.07 -15.21
CA LEU A 283 -10.50 -0.95 -14.17
C LEU A 283 -10.27 0.22 -13.20
N TYR A 284 -9.00 0.58 -12.94
CA TYR A 284 -8.68 1.62 -11.96
C TYR A 284 -8.15 2.88 -12.56
N GLY A 285 -8.41 3.06 -13.84
CA GLY A 285 -8.21 4.35 -14.48
C GLY A 285 -6.77 4.73 -14.70
N TYR A 286 -5.91 3.72 -14.87
CA TYR A 286 -4.52 3.95 -15.25
C TYR A 286 -4.34 3.71 -16.77
N ALA A 287 -5.46 3.64 -17.48
CA ALA A 287 -5.53 3.13 -18.86
C ALA A 287 -5.23 4.17 -19.97
#